data_5Q1W
#
_entry.id   5Q1W
#
_cell.length_a   52.100
_cell.length_b   57.130
_cell.length_c   114.980
_cell.angle_alpha   90.000
_cell.angle_beta   90.000
_cell.angle_gamma   90.000
#
_symmetry.space_group_name_H-M   'P 21 21 21'
#
loop_
_entity.id
_entity.type
_entity.pdbx_description
1 polymer 'DNA cross-link repair 1A protein'
2 non-polymer 'MALONATE ION'
3 non-polymer 'NICKEL (II) ION'
4 non-polymer 1~{H}-benzimidazol-2-ylcyanamide
5 water water
#
_entity_poly.entity_id   1
_entity_poly.type   'polypeptide(L)'
_entity_poly.pdbx_seq_one_letter_code
;KKTCPFYKKIPGTGFTVDAFQYGVVEGCTAYFLTHFHSDHYAGLSKHFTFPVYCSEITGNLLKNKLHVQEQYIHPLPLDT
ECIVNGVKVVLLDANHCPGAVMILFYLPNGTVILHTGDFRADPSMERSLLADQKVHMLYLDTTYCSPEYTFPSQQEVIRF
AINTAFEAVTLNPHALVVCGTYSIGKEKVFLAIADVLGSKVGMSQEKYKTLQCLNIPEINSLITTDMCSSLVHLLPMMQI
NFKGLQSHLKKCGGKYNQILAFRPTGWTHSNKFTRIADVIPQTKGNISIYGIPYSEHSSYLEMKRFVQWLKPQKIIPTVN
VGTWKSRSTMEKYFREWKLEAGY
;
_entity_poly.pdbx_strand_id   A
#
# COMPACT_ATOMS: atom_id res chain seq x y z
N THR A 3 19.37 5.59 -16.42
CA THR A 3 19.01 7.02 -16.18
C THR A 3 17.48 7.28 -16.07
N CYS A 4 17.16 8.36 -15.38
CA CYS A 4 15.78 8.68 -14.98
C CYS A 4 14.76 8.83 -16.13
N PRO A 5 13.65 8.05 -16.12
CA PRO A 5 12.63 8.21 -17.16
C PRO A 5 11.83 9.51 -17.06
N PHE A 6 11.20 9.89 -18.15
CA PHE A 6 10.49 11.19 -18.28
C PHE A 6 9.30 11.33 -17.31
N TYR A 7 8.54 10.25 -17.15
CA TYR A 7 7.33 10.26 -16.31
C TYR A 7 7.60 10.32 -14.79
N LYS A 8 8.88 10.33 -14.38
CA LYS A 8 9.27 10.63 -12.98
C LYS A 8 9.83 12.04 -12.78
N LYS A 9 9.75 12.88 -13.80
CA LYS A 9 10.24 14.26 -13.72
C LYS A 9 9.07 15.24 -13.75
N ILE A 10 9.14 16.27 -12.92
CA ILE A 10 8.08 17.28 -12.86
C ILE A 10 8.59 18.54 -13.60
N PRO A 11 8.04 18.82 -14.79
CA PRO A 11 8.58 19.91 -15.62
C PRO A 11 8.37 21.28 -14.99
N GLY A 12 9.30 22.19 -15.27
CA GLY A 12 9.28 23.52 -14.68
C GLY A 12 9.73 23.57 -13.23
N THR A 13 10.33 22.46 -12.77
CA THR A 13 10.81 22.33 -11.39
C THR A 13 12.14 21.58 -11.35
N GLY A 14 12.76 21.62 -10.19
CA GLY A 14 13.90 20.76 -9.91
C GLY A 14 13.50 19.45 -9.24
N PHE A 15 12.27 18.97 -9.44
CA PHE A 15 11.76 17.86 -8.62
C PHE A 15 11.67 16.53 -9.38
N THR A 16 11.93 15.41 -8.68
CA THR A 16 11.60 14.08 -9.17
C THR A 16 10.75 13.35 -8.13
N VAL A 17 10.04 12.35 -8.61
CA VAL A 17 9.16 11.52 -7.78
C VAL A 17 9.59 10.05 -7.94
N ASP A 18 9.94 9.43 -6.83
CA ASP A 18 10.20 7.98 -6.76
C ASP A 18 11.36 7.57 -7.71
N ALA A 19 12.42 8.35 -7.65
CA ALA A 19 13.54 8.29 -8.60
C ALA A 19 14.89 8.20 -7.86
N PHE A 20 15.11 7.09 -7.14
CA PHE A 20 16.29 6.92 -6.30
C PHE A 20 17.31 5.88 -6.87
N GLN A 21 16.99 5.27 -8.01
CA GLN A 21 17.78 4.14 -8.54
C GLN A 21 18.61 4.54 -9.78
N TYR A 22 18.76 5.84 -9.99
CA TYR A 22 19.39 6.34 -11.20
C TYR A 22 20.66 7.15 -10.88
N GLY A 23 21.20 7.00 -9.67
CA GLY A 23 22.29 7.85 -9.20
C GLY A 23 21.85 9.29 -9.01
N VAL A 24 22.76 10.23 -9.27
CA VAL A 24 22.47 11.65 -9.12
C VAL A 24 21.72 12.11 -10.38
N VAL A 25 20.50 12.62 -10.22
CA VAL A 25 19.69 13.08 -11.36
C VAL A 25 20.02 14.53 -11.69
N GLU A 26 20.31 14.80 -12.96
CA GLU A 26 20.84 16.12 -13.36
C GLU A 26 19.73 17.16 -13.30
N GLY A 27 19.95 18.18 -12.47
CA GLY A 27 18.97 19.24 -12.25
C GLY A 27 18.04 19.03 -11.05
N CYS A 28 18.09 17.85 -10.43
CA CYS A 28 17.19 17.56 -9.32
C CYS A 28 17.69 18.13 -7.99
N THR A 29 16.95 19.12 -7.49
CA THR A 29 17.23 19.77 -6.19
C THR A 29 16.46 19.16 -5.00
N ALA A 30 15.41 18.39 -5.28
CA ALA A 30 14.63 17.71 -4.24
C ALA A 30 14.00 16.44 -4.79
N TYR A 31 14.14 15.33 -4.05
CA TYR A 31 13.61 14.02 -4.44
C TYR A 31 12.38 13.72 -3.56
N PHE A 32 11.20 13.61 -4.17
CA PHE A 32 9.99 13.23 -3.43
C PHE A 32 9.87 11.70 -3.40
N LEU A 33 9.39 11.14 -2.27
CA LEU A 33 9.07 9.70 -2.15
C LEU A 33 7.62 9.53 -1.72
N THR A 34 6.78 8.95 -2.59
CA THR A 34 5.35 8.82 -2.33
C THR A 34 5.01 7.84 -1.21
N HIS A 35 5.77 6.74 -1.10
CA HIS A 35 5.51 5.70 -0.08
C HIS A 35 6.65 4.70 0.01
N PHE A 36 6.70 3.99 1.12
CA PHE A 36 7.80 3.02 1.41
C PHE A 36 7.48 1.60 0.85
N HIS A 37 7.44 1.49 -0.48
CA HIS A 37 7.41 0.20 -1.17
C HIS A 37 8.70 0.09 -2.03
N SER A 38 9.27 -1.13 -2.08
CA SER A 38 10.63 -1.32 -2.62
C SER A 38 10.87 -0.84 -4.06
N ASP A 39 9.92 -1.04 -4.97
CA ASP A 39 10.09 -0.54 -6.36
C ASP A 39 10.20 0.99 -6.43
N HIS A 40 9.65 1.68 -5.42
CA HIS A 40 9.67 3.15 -5.38
C HIS A 40 10.85 3.73 -4.63
N TYR A 41 11.26 3.10 -3.53
CA TYR A 41 12.42 3.63 -2.81
C TYR A 41 13.79 3.11 -3.29
N ALA A 42 13.80 2.18 -4.26
CA ALA A 42 15.01 1.44 -4.65
C ALA A 42 16.19 2.37 -4.89
N GLY A 43 17.25 2.20 -4.11
CA GLY A 43 18.46 3.03 -4.20
C GLY A 43 18.78 3.86 -2.98
N LEU A 44 17.80 4.15 -2.12
CA LEU A 44 18.04 4.91 -0.89
C LEU A 44 18.86 4.14 0.15
N SER A 45 19.74 4.84 0.88
CA SER A 45 20.53 4.24 1.98
C SER A 45 21.14 5.33 2.87
N LYS A 46 21.94 4.92 3.88
CA LYS A 46 22.65 5.86 4.78
C LYS A 46 23.60 6.83 4.10
N HIS A 47 24.00 6.53 2.87
CA HIS A 47 24.92 7.37 2.13
C HIS A 47 24.24 8.41 1.25
N PHE A 48 22.90 8.45 1.23
CA PHE A 48 22.15 9.41 0.39
C PHE A 48 22.30 10.81 0.95
N THR A 49 22.74 11.76 0.10
CA THR A 49 23.02 13.14 0.53
C THR A 49 22.29 14.23 -0.31
N PHE A 50 21.02 14.01 -0.59
CA PHE A 50 20.14 15.04 -1.17
C PHE A 50 18.83 15.07 -0.38
N PRO A 51 18.12 16.22 -0.37
CA PRO A 51 16.88 16.32 0.42
C PRO A 51 15.80 15.37 -0.08
N VAL A 52 15.16 14.68 0.87
CA VAL A 52 14.04 13.76 0.58
C VAL A 52 12.79 14.34 1.23
N TYR A 53 11.72 14.49 0.45
CA TYR A 53 10.45 15.03 0.91
C TYR A 53 9.42 13.90 0.91
N CYS A 54 8.68 13.76 2.02
CA CYS A 54 7.78 12.59 2.23
C CYS A 54 6.87 12.81 3.42
N SER A 55 5.96 11.86 3.70
CA SER A 55 5.15 11.91 4.93
C SER A 55 5.98 11.61 6.18
N GLU A 56 5.40 11.92 7.33
CA GLU A 56 6.01 11.57 8.65
C GLU A 56 6.29 10.07 8.78
N ILE A 57 5.29 9.24 8.48
CA ILE A 57 5.46 7.78 8.48
C ILE A 57 6.57 7.27 7.54
N THR A 58 6.58 7.72 6.28
CA THR A 58 7.65 7.33 5.35
C THR A 58 9.05 7.73 5.91
N GLY A 59 9.12 8.92 6.49
CA GLY A 59 10.31 9.42 7.16
C GLY A 59 10.79 8.54 8.32
N ASN A 60 9.86 8.06 9.16
CA ASN A 60 10.18 7.10 10.24
C ASN A 60 10.82 5.84 9.66
N LEU A 61 10.29 5.34 8.53
CA LEU A 61 10.83 4.12 7.90
C LEU A 61 12.20 4.35 7.27
N LEU A 62 12.37 5.48 6.58
CA LEU A 62 13.67 5.85 6.01
C LEU A 62 14.79 5.89 7.07
N LYS A 63 14.49 6.51 8.20
CA LYS A 63 15.46 6.65 9.29
C LYS A 63 15.80 5.31 9.95
N ASN A 64 14.79 4.51 10.29
CA ASN A 64 14.99 3.29 11.11
C ASN A 64 15.30 2.03 10.30
N LYS A 65 14.70 1.89 9.10
CA LYS A 65 14.91 0.70 8.26
C LYS A 65 16.05 0.84 7.23
N LEU A 66 16.13 1.97 6.52
CA LEU A 66 17.21 2.21 5.55
C LEU A 66 18.40 3.04 6.08
N HIS A 67 18.26 3.54 7.32
N HIS A 67 18.26 3.55 7.31
CA HIS A 67 19.26 4.36 8.01
CA HIS A 67 19.33 4.27 7.98
C HIS A 67 19.71 5.61 7.28
C HIS A 67 19.72 5.60 7.30
N VAL A 68 18.74 6.30 6.67
CA VAL A 68 18.98 7.61 6.05
C VAL A 68 19.24 8.61 7.17
N GLN A 69 20.21 9.49 6.97
CA GLN A 69 20.58 10.44 8.01
C GLN A 69 19.46 11.46 8.16
N GLU A 70 19.17 11.78 9.42
CA GLU A 70 18.10 12.70 9.83
C GLU A 70 18.13 14.07 9.14
N GLN A 71 19.34 14.58 8.85
CA GLN A 71 19.50 15.88 8.20
C GLN A 71 18.92 15.97 6.78
N TYR A 72 18.84 14.83 6.08
CA TYR A 72 18.27 14.81 4.73
C TYR A 72 16.78 14.41 4.67
N ILE A 73 16.15 14.11 5.81
CA ILE A 73 14.71 13.74 5.82
C ILE A 73 13.82 14.96 6.10
N HIS A 74 12.96 15.29 5.14
CA HIS A 74 12.00 16.41 5.29
C HIS A 74 10.54 15.93 5.32
N PRO A 75 10.03 15.56 6.50
CA PRO A 75 8.61 15.18 6.62
C PRO A 75 7.69 16.39 6.45
N LEU A 76 6.59 16.22 5.69
CA LEU A 76 5.55 17.23 5.60
C LEU A 76 4.22 16.68 6.12
N PRO A 77 3.46 17.54 6.83
CA PRO A 77 2.10 17.21 7.27
C PRO A 77 1.17 17.11 6.08
N LEU A 78 0.10 16.32 6.20
CA LEU A 78 -0.92 16.21 5.15
C LEU A 78 -1.83 17.42 5.15
N ASP A 79 -2.48 17.64 3.99
CA ASP A 79 -3.58 18.61 3.83
C ASP A 79 -3.18 20.03 4.18
N THR A 80 -1.90 20.34 3.99
CA THR A 80 -1.27 21.62 4.41
C THR A 80 -0.43 22.21 3.28
N GLU A 81 -0.72 23.45 2.88
CA GLU A 81 0.10 24.12 1.87
C GLU A 81 1.51 24.38 2.41
N CYS A 82 2.53 23.89 1.69
CA CYS A 82 3.95 23.96 2.08
C CYS A 82 4.73 24.52 0.89
N ILE A 83 5.80 25.29 1.16
CA ILE A 83 6.66 25.84 0.10
C ILE A 83 7.98 25.08 0.09
N VAL A 84 8.31 24.44 -1.03
CA VAL A 84 9.55 23.66 -1.17
C VAL A 84 10.34 24.26 -2.32
N ASN A 85 11.54 24.77 -2.02
CA ASN A 85 12.40 25.40 -3.06
C ASN A 85 11.63 26.38 -3.95
N GLY A 86 10.82 27.22 -3.31
CA GLY A 86 10.04 28.24 -3.99
C GLY A 86 8.80 27.79 -4.72
N VAL A 87 8.32 26.57 -4.46
CA VAL A 87 7.12 26.03 -5.12
C VAL A 87 6.11 25.53 -4.08
N LYS A 88 4.85 25.91 -4.23
CA LYS A 88 3.79 25.46 -3.33
C LYS A 88 3.45 23.99 -3.62
N VAL A 89 3.47 23.16 -2.59
CA VAL A 89 3.06 21.74 -2.69
C VAL A 89 2.09 21.36 -1.56
N VAL A 90 1.28 20.33 -1.83
CA VAL A 90 0.39 19.75 -0.83
C VAL A 90 0.50 18.21 -0.90
N LEU A 91 0.59 17.54 0.26
CA LEU A 91 0.47 16.08 0.35
C LEU A 91 -0.94 15.67 0.79
N LEU A 92 -1.53 14.71 0.07
CA LEU A 92 -2.85 14.14 0.37
C LEU A 92 -2.76 12.62 0.62
N ASP A 93 -3.60 12.11 1.51
CA ASP A 93 -3.62 10.65 1.75
C ASP A 93 -4.02 9.89 0.46
N ALA A 94 -3.26 8.84 0.13
CA ALA A 94 -3.47 8.09 -1.13
C ALA A 94 -4.36 6.88 -0.94
N ASN A 95 -4.79 6.57 0.29
CA ASN A 95 -5.58 5.33 0.53
C ASN A 95 -4.88 4.10 -0.09
N HIS A 96 -3.58 3.97 0.20
CA HIS A 96 -2.70 2.87 -0.24
C HIS A 96 -2.15 2.21 1.05
N CYS A 97 -0.85 2.14 1.27
CA CYS A 97 -0.28 1.58 2.50
C CYS A 97 -0.03 2.75 3.50
N PRO A 98 0.33 2.40 4.75
CA PRO A 98 0.60 3.49 5.70
C PRO A 98 1.69 4.47 5.24
N GLY A 99 1.40 5.77 5.39
CA GLY A 99 2.29 6.82 4.97
C GLY A 99 2.28 7.21 3.50
N ALA A 100 1.47 6.53 2.68
CA ALA A 100 1.43 6.76 1.25
C ALA A 100 0.69 8.06 0.94
N VAL A 101 1.28 8.88 0.05
CA VAL A 101 0.67 10.18 -0.32
C VAL A 101 0.50 10.36 -1.83
N MET A 102 -0.45 11.20 -2.22
CA MET A 102 -0.46 11.88 -3.53
C MET A 102 0.16 13.29 -3.35
N ILE A 103 0.74 13.84 -4.43
CA ILE A 103 1.36 15.18 -4.34
C ILE A 103 0.75 16.16 -5.38
N LEU A 104 0.27 17.30 -4.90
CA LEU A 104 -0.22 18.43 -5.73
C LEU A 104 0.92 19.45 -5.83
N PHE A 105 1.32 19.78 -7.05
CA PHE A 105 2.35 20.79 -7.34
C PHE A 105 1.72 22.00 -8.06
N TYR A 106 1.96 23.20 -7.53
CA TYR A 106 1.42 24.44 -8.09
C TYR A 106 2.59 25.12 -8.79
N LEU A 107 2.68 24.95 -10.11
CA LEU A 107 3.87 25.40 -10.84
C LEU A 107 3.86 26.93 -10.94
N PRO A 108 5.06 27.56 -10.98
CA PRO A 108 5.15 29.01 -11.07
C PRO A 108 4.39 29.63 -12.26
N ASN A 109 4.36 28.94 -13.41
CA ASN A 109 3.60 29.39 -14.59
C ASN A 109 2.07 29.25 -14.52
N GLY A 110 1.51 28.73 -13.42
CA GLY A 110 0.06 28.60 -13.22
C GLY A 110 -0.51 27.19 -13.48
N THR A 111 0.31 26.29 -13.99
CA THR A 111 -0.07 24.89 -14.21
C THR A 111 -0.19 24.19 -12.85
N VAL A 112 -1.17 23.29 -12.72
CA VAL A 112 -1.35 22.45 -11.50
C VAL A 112 -1.22 20.97 -11.91
N ILE A 113 -0.37 20.23 -11.19
CA ILE A 113 -0.10 18.83 -11.48
C ILE A 113 -0.46 18.00 -10.24
N LEU A 114 -1.23 16.91 -10.43
CA LEU A 114 -1.44 15.91 -9.34
C LEU A 114 -0.68 14.62 -9.70
N HIS A 115 0.17 14.15 -8.79
CA HIS A 115 0.84 12.83 -8.94
C HIS A 115 0.21 11.91 -7.88
N THR A 116 -0.46 10.84 -8.31
CA THR A 116 -1.23 10.00 -7.37
C THR A 116 -0.31 9.05 -6.56
N GLY A 117 0.97 8.94 -6.90
CA GLY A 117 1.79 7.82 -6.41
C GLY A 117 1.02 6.54 -6.70
N ASP A 118 1.07 5.57 -5.80
CA ASP A 118 0.13 4.44 -5.81
C ASP A 118 -1.11 4.84 -4.99
N PHE A 119 -2.30 4.53 -5.48
CA PHE A 119 -3.56 4.89 -4.77
C PHE A 119 -4.70 3.93 -5.01
N ARG A 120 -5.67 3.93 -4.08
CA ARG A 120 -6.98 3.32 -4.30
C ARG A 120 -8.03 4.40 -4.27
N ALA A 121 -8.42 4.86 -5.46
CA ALA A 121 -9.36 5.97 -5.58
C ALA A 121 -10.63 5.72 -4.79
N ASP A 122 -11.14 6.79 -4.16
CA ASP A 122 -12.38 6.69 -3.37
C ASP A 122 -13.18 7.98 -3.55
N PRO A 123 -14.53 7.91 -3.45
CA PRO A 123 -15.29 9.16 -3.55
C PRO A 123 -14.97 10.23 -2.50
N SER A 124 -14.46 9.83 -1.33
CA SER A 124 -14.01 10.77 -0.32
C SER A 124 -12.94 11.76 -0.81
N MET A 125 -12.17 11.37 -1.83
CA MET A 125 -11.20 12.28 -2.47
C MET A 125 -11.82 13.45 -3.23
N GLU A 126 -13.09 13.32 -3.56
CA GLU A 126 -13.82 14.38 -4.25
C GLU A 126 -14.14 15.58 -3.30
N ARG A 127 -13.88 15.40 -1.99
CA ARG A 127 -13.98 16.44 -0.94
C ARG A 127 -12.69 16.73 -0.15
N SER A 128 -11.56 16.34 -0.72
CA SER A 128 -10.26 16.79 -0.24
C SER A 128 -10.01 18.23 -0.73
N LEU A 129 -8.79 18.72 -0.55
CA LEU A 129 -8.32 19.94 -1.19
C LEU A 129 -8.34 19.92 -2.74
N LEU A 130 -8.54 18.76 -3.37
CA LEU A 130 -8.78 18.68 -4.84
C LEU A 130 -10.05 19.38 -5.36
N ALA A 131 -11.04 19.61 -4.51
CA ALA A 131 -12.36 20.09 -4.98
C ALA A 131 -12.33 21.50 -5.60
N ASP A 132 -11.55 22.39 -5.01
CA ASP A 132 -11.30 23.74 -5.56
C ASP A 132 -10.99 23.75 -7.07
N GLN A 133 -9.76 23.32 -7.38
CA GLN A 133 -9.10 23.86 -8.54
C GLN A 133 -8.81 22.86 -9.60
N LYS A 134 -8.49 23.44 -10.74
CA LYS A 134 -8.25 22.76 -11.95
C LYS A 134 -6.93 22.02 -11.85
N VAL A 135 -6.87 20.83 -12.43
CA VAL A 135 -5.64 20.07 -12.61
C VAL A 135 -5.36 19.95 -14.10
N HIS A 136 -4.19 20.42 -14.51
CA HIS A 136 -3.82 20.37 -15.93
C HIS A 136 -3.24 19.01 -16.33
N MET A 137 -2.37 18.44 -15.49
CA MET A 137 -1.71 17.14 -15.73
C MET A 137 -1.90 16.18 -14.55
N LEU A 138 -2.24 14.92 -14.86
CA LEU A 138 -2.41 13.85 -13.86
C LEU A 138 -1.40 12.71 -14.12
N TYR A 139 -0.55 12.40 -13.15
CA TYR A 139 0.37 11.27 -13.27
C TYR A 139 -0.31 10.15 -12.48
N LEU A 140 -0.81 9.14 -13.19
CA LEU A 140 -1.84 8.21 -12.68
C LEU A 140 -1.36 6.79 -12.48
N ASP A 141 -1.64 6.24 -11.28
CA ASP A 141 -1.47 4.82 -10.96
C ASP A 141 -2.50 4.03 -11.74
N THR A 142 -2.02 3.47 -12.85
CA THR A 142 -2.82 2.70 -13.80
C THR A 142 -2.64 1.17 -13.66
N THR A 143 -2.28 0.67 -12.45
CA THR A 143 -2.07 -0.76 -12.18
C THR A 143 -3.18 -1.65 -12.79
N TYR A 144 -4.44 -1.30 -12.51
CA TYR A 144 -5.61 -2.07 -12.96
C TYR A 144 -6.53 -1.33 -13.97
N CYS A 145 -5.92 -0.62 -14.91
CA CYS A 145 -6.64 0.11 -15.94
C CYS A 145 -7.12 -0.79 -17.10
N SER A 146 -8.06 -1.69 -16.78
CA SER A 146 -8.77 -2.52 -17.78
C SER A 146 -10.05 -3.11 -17.12
N PRO A 147 -11.17 -3.15 -17.86
CA PRO A 147 -12.46 -3.51 -17.20
C PRO A 147 -12.55 -4.92 -16.61
N GLU A 148 -11.69 -5.84 -17.04
CA GLU A 148 -11.63 -7.16 -16.43
C GLU A 148 -11.20 -7.11 -14.96
N TYR A 149 -10.58 -6.01 -14.52
CA TYR A 149 -10.12 -5.93 -13.13
C TYR A 149 -11.20 -5.46 -12.19
N THR A 150 -11.89 -6.44 -11.59
CA THR A 150 -12.92 -6.24 -10.58
C THR A 150 -12.50 -6.98 -9.28
N PHE A 151 -12.91 -6.42 -8.16
CA PHE A 151 -12.68 -7.01 -6.84
C PHE A 151 -13.62 -6.34 -5.80
N PRO A 152 -13.82 -6.98 -4.62
CA PRO A 152 -14.72 -6.39 -3.60
C PRO A 152 -14.14 -5.17 -2.89
N SER A 153 -14.97 -4.49 -2.11
CA SER A 153 -14.48 -3.45 -1.19
C SER A 153 -13.58 -4.11 -0.13
N GLN A 154 -12.69 -3.33 0.45
CA GLN A 154 -11.83 -3.80 1.54
C GLN A 154 -12.69 -4.27 2.73
N GLN A 155 -13.76 -3.52 3.01
CA GLN A 155 -14.73 -3.86 4.09
C GLN A 155 -15.34 -5.26 3.95
N GLU A 156 -15.79 -5.63 2.74
CA GLU A 156 -16.34 -6.99 2.49
C GLU A 156 -15.28 -8.08 2.68
N VAL A 157 -14.05 -7.81 2.29
CA VAL A 157 -12.98 -8.80 2.35
C VAL A 157 -12.61 -9.06 3.82
N ILE A 158 -12.58 -7.99 4.61
CA ILE A 158 -12.28 -8.12 6.06
C ILE A 158 -13.40 -8.86 6.77
N ARG A 159 -14.66 -8.54 6.44
CA ARG A 159 -15.82 -9.29 6.99
C ARG A 159 -15.66 -10.80 6.76
N PHE A 160 -15.31 -11.19 5.53
CA PHE A 160 -15.09 -12.61 5.18
C PHE A 160 -13.96 -13.22 6.00
N ALA A 161 -12.87 -12.47 6.16
CA ALA A 161 -11.73 -12.98 6.93
C ALA A 161 -12.03 -13.17 8.43
N ILE A 162 -12.64 -12.16 9.05
CA ILE A 162 -12.97 -12.21 10.50
C ILE A 162 -13.91 -13.40 10.77
N ASN A 163 -14.94 -13.53 9.95
CA ASN A 163 -15.99 -14.57 10.14
C ASN A 163 -15.42 -15.97 9.94
N THR A 164 -14.61 -16.14 8.88
CA THR A 164 -13.86 -17.37 8.63
C THR A 164 -12.94 -17.79 9.78
N ALA A 165 -12.12 -16.87 10.29
CA ALA A 165 -11.20 -17.15 11.40
C ALA A 165 -11.95 -17.46 12.72
N PHE A 166 -12.94 -16.64 13.02
CA PHE A 166 -13.72 -16.81 14.26
C PHE A 166 -14.44 -18.14 14.27
N GLU A 167 -15.07 -18.50 13.16
CA GLU A 167 -15.73 -19.81 13.10
C GLU A 167 -14.74 -20.97 13.31
N ALA A 168 -13.59 -20.93 12.64
CA ALA A 168 -12.68 -22.05 12.71
C ALA A 168 -12.13 -22.29 14.13
N VAL A 169 -11.79 -21.20 14.83
CA VAL A 169 -11.14 -21.27 16.13
C VAL A 169 -12.21 -21.55 17.21
N THR A 170 -13.45 -21.12 16.98
CA THR A 170 -14.56 -21.48 17.89
C THR A 170 -14.89 -22.97 17.79
N LEU A 171 -14.85 -23.53 16.58
CA LEU A 171 -15.03 -24.97 16.41
C LEU A 171 -13.83 -25.76 16.97
N ASN A 172 -12.60 -25.27 16.73
CA ASN A 172 -11.39 -25.91 17.22
C ASN A 172 -10.49 -24.91 17.96
N PRO A 173 -10.60 -24.83 19.30
CA PRO A 173 -9.73 -23.94 20.10
C PRO A 173 -8.24 -24.17 20.00
N HIS A 174 -7.83 -25.32 19.47
CA HIS A 174 -6.42 -25.61 19.22
C HIS A 174 -5.92 -25.29 17.80
N ALA A 175 -6.66 -24.52 17.01
CA ALA A 175 -6.22 -24.07 15.67
C ALA A 175 -5.35 -22.81 15.78
N LEU A 176 -4.38 -22.72 14.87
CA LEU A 176 -3.52 -21.51 14.70
C LEU A 176 -3.91 -20.79 13.44
N VAL A 177 -3.98 -19.44 13.49
CA VAL A 177 -4.18 -18.65 12.27
C VAL A 177 -2.83 -18.06 11.83
N VAL A 178 -2.49 -18.22 10.55
CA VAL A 178 -1.28 -17.63 9.94
C VAL A 178 -1.66 -16.66 8.81
N CYS A 179 -0.95 -15.53 8.73
N CYS A 179 -0.95 -15.54 8.72
CA CYS A 179 -1.17 -14.51 7.70
CA CYS A 179 -1.17 -14.55 7.66
C CYS A 179 0.18 -14.24 7.01
C CYS A 179 0.17 -14.25 7.00
N GLY A 180 0.16 -14.12 5.68
CA GLY A 180 1.38 -13.81 4.90
C GLY A 180 1.61 -12.32 4.71
N THR A 181 2.88 -11.91 4.64
CA THR A 181 3.29 -10.50 4.40
C THR A 181 4.65 -10.40 3.67
N TYR A 182 4.80 -9.45 2.73
CA TYR A 182 6.14 -9.14 2.16
C TYR A 182 6.53 -7.63 2.10
N SER A 183 5.69 -6.79 2.67
CA SER A 183 5.88 -5.34 2.62
C SER A 183 4.92 -4.71 3.63
N ILE A 184 4.98 -3.39 3.78
CA ILE A 184 3.93 -2.70 4.52
C ILE A 184 2.67 -2.65 3.64
N GLY A 185 1.55 -2.33 4.28
CA GLY A 185 0.22 -2.37 3.67
C GLY A 185 -0.57 -3.60 4.08
N LYS A 186 -1.90 -3.49 4.04
CA LYS A 186 -2.83 -4.61 4.30
C LYS A 186 -2.81 -5.08 5.78
N GLU A 187 -2.40 -4.17 6.67
CA GLU A 187 -2.28 -4.50 8.10
C GLU A 187 -3.64 -4.87 8.69
N LYS A 188 -4.71 -4.26 8.17
CA LYS A 188 -6.07 -4.55 8.64
C LYS A 188 -6.41 -6.05 8.63
N VAL A 189 -5.88 -6.79 7.67
CA VAL A 189 -6.19 -8.23 7.57
C VAL A 189 -5.81 -8.95 8.89
N PHE A 190 -4.54 -8.84 9.25
CA PHE A 190 -4.07 -9.53 10.47
C PHE A 190 -4.54 -8.87 11.77
N LEU A 191 -4.69 -7.55 11.77
CA LEU A 191 -5.16 -6.88 13.00
C LEU A 191 -6.64 -7.15 13.33
N ALA A 192 -7.49 -7.17 12.30
CA ALA A 192 -8.91 -7.46 12.48
C ALA A 192 -9.16 -8.90 12.95
N ILE A 193 -8.38 -9.85 12.42
CA ILE A 193 -8.47 -11.26 12.83
C ILE A 193 -8.01 -11.42 14.30
N ALA A 194 -6.89 -10.83 14.67
CA ALA A 194 -6.41 -10.93 16.06
C ALA A 194 -7.39 -10.31 17.03
N ASP A 195 -7.97 -9.18 16.63
CA ASP A 195 -8.93 -8.47 17.47
C ASP A 195 -10.16 -9.34 17.80
N VAL A 196 -10.76 -9.99 16.79
CA VAL A 196 -11.91 -10.86 17.02
C VAL A 196 -11.58 -12.07 17.91
N LEU A 197 -10.35 -12.56 17.83
CA LEU A 197 -9.90 -13.75 18.58
C LEU A 197 -9.32 -13.44 19.98
N GLY A 198 -9.28 -12.16 20.36
CA GLY A 198 -8.65 -11.74 21.63
C GLY A 198 -7.19 -12.09 21.78
N SER A 199 -6.45 -11.99 20.67
CA SER A 199 -5.04 -12.33 20.63
C SER A 199 -4.23 -11.12 20.14
N LYS A 200 -2.94 -11.13 20.45
CA LYS A 200 -1.98 -10.26 19.79
C LYS A 200 -1.44 -10.98 18.56
N VAL A 201 -0.85 -10.24 17.64
CA VAL A 201 -0.25 -10.81 16.44
C VAL A 201 1.24 -11.02 16.69
N GLY A 202 1.71 -12.27 16.58
CA GLY A 202 3.12 -12.61 16.73
C GLY A 202 3.91 -12.61 15.43
N MET A 203 5.15 -12.10 15.51
CA MET A 203 5.98 -11.89 14.33
C MET A 203 7.46 -11.77 14.67
N SER A 204 8.28 -11.82 13.63
CA SER A 204 9.74 -11.60 13.74
C SER A 204 10.11 -10.25 14.35
N GLN A 205 11.32 -10.17 14.88
CA GLN A 205 11.85 -8.88 15.36
C GLN A 205 11.88 -7.82 14.25
N GLU A 206 12.26 -8.23 13.04
CA GLU A 206 12.34 -7.34 11.86
C GLU A 206 10.98 -6.75 11.48
N LYS A 207 9.95 -7.59 11.44
CA LYS A 207 8.61 -7.10 11.11
C LYS A 207 8.01 -6.25 12.24
N TYR A 208 8.27 -6.64 13.49
CA TYR A 208 7.87 -5.82 14.63
C TYR A 208 8.45 -4.38 14.54
N LYS A 209 9.73 -4.26 14.21
N LYS A 209 9.73 -4.30 14.22
CA LYS A 209 10.39 -2.94 14.04
CA LYS A 209 10.44 -3.05 14.01
C LYS A 209 9.58 -2.04 13.10
C LYS A 209 9.84 -2.23 12.86
N THR A 210 9.17 -2.60 11.97
N THR A 210 9.63 -2.87 11.71
CA THR A 210 8.43 -1.89 10.92
CA THR A 210 8.97 -2.21 10.57
C THR A 210 7.07 -1.40 11.40
C THR A 210 7.63 -1.60 11.01
N LEU A 211 6.31 -2.25 12.08
N LEU A 211 6.81 -2.41 11.70
CA LEU A 211 4.99 -1.83 12.59
CA LEU A 211 5.51 -1.94 12.15
C LEU A 211 5.06 -0.67 13.60
C LEU A 211 5.62 -0.88 13.28
N GLN A 212 6.11 -0.64 14.42
N GLN A 212 6.64 -1.01 14.15
CA GLN A 212 6.31 0.46 15.39
CA GLN A 212 6.95 0.02 15.17
C GLN A 212 6.57 1.85 14.73
C GLN A 212 7.23 1.40 14.55
N CYS A 213 6.89 1.89 13.44
N CYS A 213 7.83 1.43 13.36
CA CYS A 213 7.05 3.16 12.68
CA CYS A 213 8.15 2.69 12.66
C CYS A 213 5.78 3.77 12.06
C CYS A 213 6.89 3.45 12.27
N LEU A 214 4.63 3.10 12.17
N LEU A 214 5.80 2.72 12.01
CA LEU A 214 3.45 3.44 11.36
CA LEU A 214 4.46 3.33 11.94
C LEU A 214 2.38 4.34 12.01
C LEU A 214 4.20 3.74 13.38
N ASN A 215 2.66 4.91 13.19
N ASN A 215 3.87 4.99 13.63
CA ASN A 215 1.67 5.70 13.93
CA ASN A 215 3.86 5.49 15.03
C ASN A 215 0.26 5.06 14.01
C ASN A 215 2.43 5.48 15.58
N ILE A 216 0.20 3.75 14.27
N ILE A 216 1.76 4.32 15.51
CA ILE A 216 -1.08 3.07 14.51
CA ILE A 216 0.30 4.27 15.77
C ILE A 216 -1.43 3.28 15.99
C ILE A 216 -0.04 3.30 16.95
N PRO A 217 -2.59 3.92 16.27
N PRO A 217 -0.56 3.85 18.09
CA PRO A 217 -3.07 4.07 17.65
CA PRO A 217 -0.86 3.04 19.30
C PRO A 217 -3.15 2.76 18.45
C PRO A 217 -1.75 1.80 19.09
N GLU A 218 -2.72 2.84 19.71
N GLU A 218 -2.78 1.95 18.26
CA GLU A 218 -2.70 1.70 20.64
CA GLU A 218 -3.69 0.85 17.93
C GLU A 218 -1.95 0.45 20.14
C GLU A 218 -2.95 -0.40 17.39
N ILE A 219 -0.92 0.64 19.30
N ILE A 219 -2.00 -0.18 16.49
CA ILE A 219 -0.18 -0.48 18.70
CA ILE A 219 -1.21 -1.26 15.92
C ILE A 219 0.46 -1.43 19.71
C ILE A 219 -0.29 -1.82 17.02
N ASN A 220 0.98 -0.92 20.83
N ASN A 220 0.38 -0.92 17.74
CA ASN A 220 1.61 -1.78 21.84
CA ASN A 220 1.33 -1.28 18.80
C ASN A 220 0.64 -2.81 22.43
C ASN A 220 0.75 -2.17 19.92
N SER A 221 -0.66 -2.47 22.43
N SER A 221 -0.51 -1.96 20.30
CA SER A 221 -1.73 -3.41 22.81
CA SER A 221 -1.18 -2.81 21.30
C SER A 221 -2.07 -4.48 21.75
C SER A 221 -1.44 -4.25 20.83
N LEU A 222 -1.54 -4.35 20.53
N LEU A 222 -1.53 -4.44 19.51
CA LEU A 222 -1.96 -5.22 19.40
CA LEU A 222 -1.87 -5.75 18.92
C LEU A 222 -0.94 -6.26 18.90
C LEU A 222 -0.66 -6.55 18.40
N ILE A 223 0.37 -6.05 19.10
N ILE A 223 0.57 -6.06 18.57
CA ILE A 223 1.41 -6.88 18.42
CA ILE A 223 1.75 -6.78 18.06
C ILE A 223 2.53 -7.36 19.38
C ILE A 223 2.63 -7.26 19.22
N THR A 224 3.32 -8.35 18.97
CA THR A 224 4.33 -8.94 19.90
C THR A 224 5.36 -9.76 19.17
N THR A 225 6.54 -9.88 19.77
CA THR A 225 7.58 -10.81 19.29
C THR A 225 7.52 -12.17 20.00
N ASP A 226 6.72 -12.26 21.06
CA ASP A 226 6.54 -13.53 21.80
C ASP A 226 5.53 -14.42 21.08
N MET A 227 6.03 -15.28 20.20
CA MET A 227 5.18 -16.13 19.34
C MET A 227 4.28 -17.06 20.14
N CYS A 228 4.86 -17.69 21.16
CA CYS A 228 4.18 -18.67 22.02
C CYS A 228 2.90 -18.14 22.67
N SER A 229 2.90 -16.85 23.02
CA SER A 229 1.75 -16.22 23.67
C SER A 229 0.63 -15.75 22.71
N SER A 230 0.78 -16.03 21.42
CA SER A 230 -0.11 -15.49 20.38
C SER A 230 -0.69 -16.65 19.53
N LEU A 231 -1.96 -16.54 19.12
CA LEU A 231 -2.56 -17.52 18.18
C LEU A 231 -2.87 -16.96 16.78
N VAL A 232 -2.36 -15.76 16.48
CA VAL A 232 -2.28 -15.25 15.10
C VAL A 232 -0.82 -14.94 14.84
N HIS A 233 -0.21 -15.65 13.89
CA HIS A 233 1.20 -15.46 13.54
C HIS A 233 1.39 -14.88 12.15
N LEU A 234 2.36 -13.96 12.00
CA LEU A 234 2.71 -13.43 10.68
C LEU A 234 3.95 -14.11 10.20
N LEU A 235 3.97 -14.50 8.93
CA LEU A 235 5.12 -15.09 8.28
C LEU A 235 5.36 -14.45 6.92
N PRO A 236 6.60 -14.53 6.41
CA PRO A 236 6.84 -14.10 5.04
C PRO A 236 5.93 -14.80 4.05
N MET A 237 5.48 -14.07 3.03
CA MET A 237 4.51 -14.58 2.05
C MET A 237 4.99 -15.87 1.36
N MET A 238 6.30 -15.95 1.13
CA MET A 238 6.91 -17.16 0.54
C MET A 238 6.75 -18.44 1.32
N GLN A 239 6.53 -18.33 2.63
CA GLN A 239 6.29 -19.47 3.50
C GLN A 239 4.81 -19.93 3.50
N ILE A 240 3.90 -19.18 2.88
CA ILE A 240 2.46 -19.54 2.90
C ILE A 240 2.16 -20.57 1.79
N ASN A 241 2.60 -21.80 2.08
CA ASN A 241 2.40 -22.99 1.24
C ASN A 241 2.42 -24.22 2.16
N PHE A 242 1.97 -25.37 1.64
CA PHE A 242 1.79 -26.57 2.51
C PHE A 242 3.11 -27.00 3.19
N LYS A 243 4.22 -26.95 2.46
CA LYS A 243 5.54 -27.28 3.04
C LYS A 243 5.96 -26.28 4.13
N GLY A 244 5.82 -25.00 3.85
CA GLY A 244 6.26 -23.95 4.80
C GLY A 244 5.46 -23.94 6.08
N LEU A 245 4.15 -24.20 5.95
CA LEU A 245 3.23 -24.19 7.09
C LEU A 245 3.38 -25.46 7.98
N GLN A 246 3.54 -26.62 7.32
CA GLN A 246 3.91 -27.88 8.00
C GLN A 246 5.13 -27.69 8.88
N SER A 247 6.16 -27.10 8.27
CA SER A 247 7.41 -26.80 8.97
C SER A 247 7.19 -25.84 10.15
N HIS A 248 6.38 -24.80 9.94
CA HIS A 248 6.06 -23.87 11.02
C HIS A 248 5.33 -24.56 12.18
N LEU A 249 4.38 -25.44 11.84
CA LEU A 249 3.57 -26.13 12.85
C LEU A 249 4.39 -27.01 13.78
N LYS A 250 5.42 -27.66 13.23
CA LYS A 250 6.38 -28.43 14.04
C LYS A 250 7.03 -27.57 15.13
N LYS A 251 7.37 -26.34 14.81
CA LYS A 251 8.08 -25.44 15.75
C LYS A 251 7.27 -24.99 16.97
N CYS A 252 5.95 -25.04 16.89
CA CYS A 252 5.10 -24.52 17.99
C CYS A 252 4.97 -25.42 19.24
N GLY A 253 5.58 -26.61 19.19
CA GLY A 253 5.73 -27.47 20.37
C GLY A 253 4.44 -28.09 20.84
N GLY A 254 3.74 -28.78 19.93
CA GLY A 254 2.46 -29.44 20.23
C GLY A 254 1.39 -28.58 20.90
N LYS A 255 1.32 -27.31 20.53
CA LYS A 255 0.31 -26.38 21.04
C LYS A 255 -0.93 -26.37 20.14
N TYR A 256 -0.71 -26.63 18.85
CA TYR A 256 -1.73 -26.54 17.83
C TYR A 256 -1.80 -27.82 17.01
N ASN A 257 -2.99 -28.13 16.53
CA ASN A 257 -3.24 -29.32 15.69
C ASN A 257 -3.93 -29.01 14.35
N GLN A 258 -3.97 -27.71 13.98
CA GLN A 258 -4.56 -27.25 12.71
C GLN A 258 -4.02 -25.84 12.40
N ILE A 259 -3.83 -25.54 11.10
CA ILE A 259 -3.51 -24.16 10.64
C ILE A 259 -4.53 -23.71 9.61
N LEU A 260 -5.05 -22.51 9.81
CA LEU A 260 -5.82 -21.81 8.81
C LEU A 260 -4.96 -20.59 8.41
N ALA A 261 -4.62 -20.47 7.13
CA ALA A 261 -3.73 -19.38 6.62
C ALA A 261 -4.41 -18.54 5.57
N PHE A 262 -4.07 -17.23 5.56
CA PHE A 262 -4.52 -16.28 4.56
C PHE A 262 -3.35 -15.69 3.76
N ARG A 263 -3.52 -15.65 2.43
CA ARG A 263 -2.59 -15.01 1.49
C ARG A 263 -3.32 -13.84 0.87
N PRO A 264 -3.09 -12.64 1.40
CA PRO A 264 -3.67 -11.50 0.74
C PRO A 264 -2.90 -11.32 -0.56
N THR A 265 -3.66 -11.25 -1.63
CA THR A 265 -3.12 -11.03 -2.94
C THR A 265 -3.70 -9.70 -3.42
N GLY A 266 -3.35 -9.32 -4.65
CA GLY A 266 -4.16 -8.36 -5.40
C GLY A 266 -5.25 -9.13 -6.15
N TRP A 267 -5.66 -8.58 -7.27
CA TRP A 267 -6.51 -9.31 -8.23
C TRP A 267 -5.84 -10.60 -8.68
N THR A 268 -6.65 -11.67 -8.80
CA THR A 268 -6.28 -12.90 -9.50
C THR A 268 -7.43 -13.28 -10.44
N HIS A 269 -7.15 -14.11 -11.45
CA HIS A 269 -8.18 -14.54 -12.44
C HIS A 269 -9.46 -15.14 -11.85
N SER A 270 -9.36 -15.80 -10.70
CA SER A 270 -10.55 -16.33 -10.01
C SER A 270 -11.62 -15.26 -9.67
N ASN A 271 -11.24 -13.98 -9.57
CA ASN A 271 -12.21 -12.88 -9.40
C ASN A 271 -13.15 -12.71 -10.58
N LYS A 272 -12.75 -13.21 -11.76
CA LYS A 272 -13.65 -13.23 -12.91
C LYS A 272 -14.85 -14.15 -12.69
N PHE A 273 -14.68 -15.18 -11.86
CA PHE A 273 -15.65 -16.25 -11.71
C PHE A 273 -16.36 -16.31 -10.36
N THR A 274 -15.60 -16.19 -9.26
CA THR A 274 -16.09 -16.54 -7.93
C THR A 274 -16.21 -15.30 -7.02
N ARG A 275 -17.42 -15.06 -6.51
CA ARG A 275 -17.71 -13.98 -5.55
C ARG A 275 -17.02 -14.24 -4.21
N ILE A 276 -16.64 -13.16 -3.51
CA ILE A 276 -15.97 -13.27 -2.21
C ILE A 276 -16.69 -14.22 -1.25
N ALA A 277 -18.01 -14.11 -1.15
CA ALA A 277 -18.78 -14.95 -0.21
C ALA A 277 -18.64 -16.46 -0.52
N ASP A 278 -18.42 -16.79 -1.80
CA ASP A 278 -18.32 -18.18 -2.26
C ASP A 278 -16.90 -18.77 -2.23
N VAL A 279 -15.92 -18.00 -1.79
CA VAL A 279 -14.50 -18.44 -1.82
C VAL A 279 -14.23 -19.63 -0.88
N ILE A 280 -13.41 -20.56 -1.36
CA ILE A 280 -13.03 -21.75 -0.63
C ILE A 280 -11.51 -21.92 -0.63
N PRO A 281 -10.95 -22.59 0.40
CA PRO A 281 -9.51 -22.75 0.49
C PRO A 281 -8.97 -23.93 -0.31
N GLN A 282 -7.64 -23.97 -0.43
CA GLN A 282 -6.89 -25.19 -0.72
C GLN A 282 -6.55 -25.91 0.57
N THR A 283 -6.75 -27.23 0.61
CA THR A 283 -6.60 -28.00 1.85
C THR A 283 -5.71 -29.23 1.63
N LYS A 284 -4.80 -29.48 2.58
CA LYS A 284 -4.04 -30.73 2.66
C LYS A 284 -3.91 -31.17 4.12
N GLY A 285 -4.68 -32.20 4.51
CA GLY A 285 -4.65 -32.67 5.88
C GLY A 285 -5.20 -31.61 6.81
N ASN A 286 -4.43 -31.26 7.84
CA ASN A 286 -4.85 -30.28 8.86
C ASN A 286 -4.46 -28.81 8.53
N ILE A 287 -4.15 -28.52 7.26
CA ILE A 287 -3.74 -27.18 6.80
C ILE A 287 -4.67 -26.72 5.70
N SER A 288 -5.23 -25.51 5.85
CA SER A 288 -6.07 -24.85 4.85
C SER A 288 -5.52 -23.46 4.52
N ILE A 289 -5.50 -23.09 3.23
CA ILE A 289 -4.98 -21.79 2.75
C ILE A 289 -6.03 -21.03 1.91
N TYR A 290 -6.40 -19.83 2.36
CA TYR A 290 -7.32 -18.95 1.61
C TYR A 290 -6.54 -17.85 0.90
N GLY A 291 -6.82 -17.66 -0.39
CA GLY A 291 -6.37 -16.48 -1.14
C GLY A 291 -7.49 -15.45 -1.09
N ILE A 292 -7.21 -14.27 -0.53
CA ILE A 292 -8.25 -13.24 -0.42
C ILE A 292 -7.84 -11.96 -1.19
N PRO A 293 -8.75 -11.42 -2.02
CA PRO A 293 -8.40 -10.31 -2.90
C PRO A 293 -8.51 -8.94 -2.20
N TYR A 294 -7.55 -8.66 -1.33
CA TYR A 294 -7.48 -7.39 -0.62
C TYR A 294 -6.61 -6.42 -1.42
N SER A 295 -7.22 -5.51 -2.19
CA SER A 295 -6.43 -4.59 -3.01
C SER A 295 -6.19 -3.23 -2.37
N GLU A 296 -4.95 -2.73 -2.48
CA GLU A 296 -4.64 -1.32 -2.18
C GLU A 296 -4.40 -0.45 -3.44
N HIS A 297 -4.92 -0.91 -4.60
CA HIS A 297 -4.97 -0.11 -5.83
C HIS A 297 -6.42 -0.01 -6.32
N SER A 298 -6.71 1.05 -7.09
CA SER A 298 -8.05 1.31 -7.65
C SER A 298 -8.50 0.13 -8.53
N SER A 299 -9.75 -0.32 -8.37
CA SER A 299 -10.41 -1.10 -9.46
C SER A 299 -10.55 -0.23 -10.74
N TYR A 300 -10.80 -0.87 -11.89
CA TYR A 300 -11.07 -0.09 -13.11
C TYR A 300 -12.19 0.93 -12.87
N LEU A 301 -13.28 0.49 -12.24
CA LEU A 301 -14.45 1.40 -12.04
C LEU A 301 -14.13 2.56 -11.08
N GLU A 302 -13.39 2.28 -10.03
CA GLU A 302 -12.96 3.34 -9.09
C GLU A 302 -12.07 4.40 -9.76
N MET A 303 -11.13 3.92 -10.58
CA MET A 303 -10.22 4.76 -11.33
C MET A 303 -10.98 5.68 -12.32
N LYS A 304 -11.87 5.07 -13.08
CA LYS A 304 -12.69 5.80 -14.05
C LYS A 304 -13.51 6.91 -13.39
N ARG A 305 -14.12 6.60 -12.25
CA ARG A 305 -14.95 7.59 -11.52
C ARG A 305 -14.10 8.79 -11.08
N PHE A 306 -12.96 8.51 -10.48
CA PHE A 306 -12.02 9.55 -10.07
C PHE A 306 -11.58 10.47 -11.20
N VAL A 307 -11.14 9.88 -12.32
CA VAL A 307 -10.64 10.64 -13.44
C VAL A 307 -11.75 11.46 -14.11
N GLN A 308 -12.91 10.86 -14.27
CA GLN A 308 -14.07 11.58 -14.86
C GLN A 308 -14.52 12.74 -13.99
N TRP A 309 -14.36 12.62 -12.66
CA TRP A 309 -14.62 13.74 -11.74
C TRP A 309 -13.56 14.87 -11.84
N LEU A 310 -12.28 14.48 -11.84
CA LEU A 310 -11.16 15.43 -11.86
C LEU A 310 -11.04 16.21 -13.18
N LYS A 311 -11.39 15.56 -14.29
CA LYS A 311 -11.33 16.16 -15.64
C LYS A 311 -9.95 16.77 -16.00
N PRO A 312 -8.87 15.96 -15.92
CA PRO A 312 -7.55 16.48 -16.27
C PRO A 312 -7.41 16.76 -17.77
N GLN A 313 -6.57 17.72 -18.12
CA GLN A 313 -6.30 18.01 -19.54
C GLN A 313 -5.39 16.98 -20.19
N LYS A 314 -4.47 16.42 -19.40
CA LYS A 314 -3.54 15.40 -19.89
C LYS A 314 -3.30 14.34 -18.80
N ILE A 315 -3.19 13.08 -19.23
CA ILE A 315 -2.88 11.95 -18.31
C ILE A 315 -1.57 11.30 -18.74
N ILE A 316 -0.69 11.07 -17.75
CA ILE A 316 0.57 10.38 -17.92
C ILE A 316 0.51 9.15 -16.99
N PRO A 317 0.34 7.96 -17.56
CA PRO A 317 0.39 6.72 -16.75
C PRO A 317 1.77 6.45 -16.14
N THR A 318 1.79 5.87 -14.94
CA THR A 318 3.04 5.53 -14.25
C THR A 318 3.24 4.00 -14.01
N VAL A 319 2.26 3.19 -14.43
CA VAL A 319 2.27 1.72 -14.29
C VAL A 319 1.84 1.10 -15.63
N ASN A 320 2.46 -0.03 -15.93
CA ASN A 320 2.23 -0.74 -17.21
C ASN A 320 2.72 0.11 -18.41
N VAL A 321 3.83 0.80 -18.25
CA VAL A 321 4.33 1.69 -19.32
C VAL A 321 5.31 1.04 -20.32
N GLY A 322 5.62 -0.23 -20.13
CA GLY A 322 6.72 -0.89 -20.86
C GLY A 322 6.37 -1.51 -22.20
N THR A 323 5.09 -1.71 -22.52
CA THR A 323 4.66 -2.37 -23.76
C THR A 323 3.74 -1.47 -24.61
N TRP A 324 3.84 -1.61 -25.94
CA TRP A 324 2.98 -0.83 -26.82
C TRP A 324 1.51 -1.23 -26.66
N LYS A 325 1.25 -2.52 -26.46
CA LYS A 325 -0.12 -3.05 -26.22
C LYS A 325 -0.75 -2.34 -25.00
N SER A 326 0.02 -2.30 -23.92
CA SER A 326 -0.46 -1.65 -22.66
C SER A 326 -0.74 -0.17 -22.83
N ARG A 327 0.21 0.50 -23.47
CA ARG A 327 0.11 1.94 -23.67
C ARG A 327 -1.10 2.28 -24.54
N SER A 328 -1.27 1.55 -25.63
CA SER A 328 -2.40 1.75 -26.55
C SER A 328 -3.79 1.48 -25.93
N THR A 329 -3.88 0.39 -25.18
CA THR A 329 -5.09 0.04 -24.39
C THR A 329 -5.48 1.19 -23.42
N MET A 330 -4.50 1.66 -22.62
CA MET A 330 -4.77 2.72 -21.63
C MET A 330 -5.23 4.04 -22.28
N GLU A 331 -4.54 4.43 -23.35
N GLU A 331 -4.54 4.44 -23.35
CA GLU A 331 -4.89 5.62 -24.14
CA GLU A 331 -4.94 5.64 -24.12
C GLU A 331 -6.32 5.55 -24.72
C GLU A 331 -6.36 5.55 -24.68
N LYS A 332 -6.74 4.38 -25.19
CA LYS A 332 -8.13 4.16 -25.66
C LYS A 332 -9.14 4.35 -24.55
N TYR A 333 -8.88 3.79 -23.37
CA TYR A 333 -9.79 4.04 -22.23
C TYR A 333 -9.85 5.51 -21.84
N PHE A 334 -8.74 6.21 -21.83
CA PHE A 334 -8.76 7.63 -21.39
C PHE A 334 -9.63 8.46 -22.35
N ARG A 335 -9.56 8.12 -23.64
CA ARG A 335 -10.41 8.82 -24.64
C ARG A 335 -11.88 8.49 -24.49
N GLU A 336 -12.22 7.23 -24.23
N GLU A 336 -12.21 7.22 -24.22
CA GLU A 336 -13.60 6.84 -23.95
CA GLU A 336 -13.58 6.79 -23.94
C GLU A 336 -14.15 7.66 -22.78
C GLU A 336 -14.19 7.52 -22.75
N TRP A 337 -13.38 7.74 -21.70
CA TRP A 337 -13.83 8.43 -20.49
C TRP A 337 -14.08 9.92 -20.76
N LYS A 338 -13.18 10.53 -21.50
CA LYS A 338 -13.28 11.93 -21.94
C LYS A 338 -14.53 12.15 -22.79
N LEU A 339 -14.76 11.28 -23.79
CA LEU A 339 -15.95 11.43 -24.67
C LEU A 339 -17.28 11.20 -23.94
N GLU A 340 -17.34 10.22 -23.03
CA GLU A 340 -18.55 9.97 -22.25
C GLU A 340 -18.90 11.14 -21.32
N ALA A 341 -17.88 11.70 -20.67
CA ALA A 341 -18.08 12.74 -19.67
C ALA A 341 -18.12 14.16 -20.24
N GLY A 342 -17.54 14.38 -21.42
CA GLY A 342 -17.60 15.68 -22.12
C GLY A 342 -16.51 16.73 -21.85
N TYR A 343 -15.41 16.34 -21.20
CA TYR A 343 -14.27 17.26 -20.95
C TYR A 343 -13.23 17.21 -22.06
#